data_4HG2
#
_entry.id   4HG2
#
_cell.length_a   48.067
_cell.length_b   88.447
_cell.length_c   64.664
_cell.angle_alpha   90.000
_cell.angle_beta   91.990
_cell.angle_gamma   90.000
#
_symmetry.space_group_name_H-M   'P 1 21 1'
#
loop_
_entity.id
_entity.type
_entity.pdbx_description
1 polymer 'Methyltransferase type 11'
2 non-polymer 1,2-ETHANEDIOL
3 non-polymer '2-(N-MORPHOLINO)-ETHANESULFONIC ACID'
4 water water
#
_entity_poly.entity_id   1
_entity_poly.type   'polypeptide(L)'
_entity_poly.pdbx_seq_one_letter_code
;SNA(MSE)AAFKDHFTPVADAYRAFRPRYPRALFRWLGEVAPARGDALDCGCGSGQASLGLAEFFERVHAVDPGEAQIRQ
ALRHPRVTYAVAPAEDTGLPPASVDVAIAAQA(MSE)HWFDLDRFWAELRRVARPGAVFAAVTYGLTRVDPEVDAVVDRL
YHGLLARDWPPERVHVESGYRTLPFPFPELEAPPLEIEERWP(MSE)DAFLGYLGTWSAVTAHRRRTGADPLAEIAPALR
AAWGTPERPLRVTWPIAIRAGRILPHAGG
;
_entity_poly.pdbx_strand_id   A,B
#
loop_
_chem_comp.id
_chem_comp.type
_chem_comp.name
_chem_comp.formula
EDO non-polymer 1,2-ETHANEDIOL 'C2 H6 O2'
MES non-polymer '2-(N-MORPHOLINO)-ETHANESULFONIC ACID' 'C6 H13 N O4 S'
#
# COMPACT_ATOMS: atom_id res chain seq x y z
N ALA A 20 24.96 -10.70 -5.05
CA ALA A 20 23.83 -10.28 -4.12
C ALA A 20 23.04 -11.48 -3.64
N PHE A 21 22.59 -11.41 -2.38
CA PHE A 21 21.89 -12.49 -1.83
C PHE A 21 20.47 -12.03 -1.47
N ARG A 22 19.64 -13.03 -1.51
CA ARG A 22 18.23 -12.86 -1.38
C ARG A 22 17.70 -13.81 -0.35
N PRO A 23 16.63 -13.42 0.29
CA PRO A 23 16.02 -14.25 1.32
C PRO A 23 15.47 -15.53 0.74
N ARG A 24 15.57 -16.61 1.49
CA ARG A 24 15.04 -17.91 1.07
C ARG A 24 13.87 -18.36 1.96
N TYR A 25 12.77 -18.80 1.33
CA TYR A 25 11.69 -19.36 2.11
C TYR A 25 12.22 -20.55 2.93
N PRO A 26 11.80 -20.67 4.17
CA PRO A 26 12.37 -21.67 5.05
C PRO A 26 11.74 -23.06 4.82
N ARG A 27 12.45 -24.09 5.27
CA ARG A 27 11.92 -25.48 5.22
C ARG A 27 10.58 -25.58 5.95
N ALA A 28 10.37 -24.81 6.98
CA ALA A 28 9.12 -24.84 7.70
C ALA A 28 7.92 -24.51 6.83
N LEU A 29 8.06 -23.63 5.85
CA LEU A 29 6.95 -23.31 4.98
C LEU A 29 6.54 -24.54 4.19
N PHE A 30 7.55 -25.19 3.61
CA PHE A 30 7.28 -26.33 2.74
C PHE A 30 6.76 -27.51 3.57
N ARG A 31 7.25 -27.63 4.79
CA ARG A 31 6.79 -28.66 5.70
C ARG A 31 5.29 -28.44 6.05
N TRP A 32 4.92 -27.20 6.28
CA TRP A 32 3.52 -26.86 6.56
C TRP A 32 2.68 -27.23 5.34
N LEU A 33 3.12 -26.88 4.14
CA LEU A 33 2.36 -27.26 2.94
C LEU A 33 2.18 -28.78 2.79
N GLY A 34 3.24 -29.52 3.17
CA GLY A 34 3.22 -30.98 3.18
C GLY A 34 2.19 -31.54 4.16
N GLU A 35 1.96 -30.86 5.26
CA GLU A 35 0.97 -31.28 6.24
C GLU A 35 -0.47 -30.95 5.88
N VAL A 36 -0.67 -29.75 5.32
CA VAL A 36 -2.06 -29.33 4.96
C VAL A 36 -2.59 -29.94 3.70
N ALA A 37 -1.69 -30.35 2.82
CA ALA A 37 -2.09 -30.95 1.54
C ALA A 37 -2.78 -32.28 1.83
N PRO A 38 -3.66 -32.72 0.93
CA PRO A 38 -4.36 -33.98 1.12
C PRO A 38 -3.47 -35.20 0.99
N ALA A 39 -2.34 -35.03 0.32
CA ALA A 39 -1.32 -36.02 0.16
C ALA A 39 -0.05 -35.35 -0.33
N ARG A 40 1.04 -36.11 -0.35
CA ARG A 40 2.37 -35.55 -0.66
C ARG A 40 2.90 -36.03 -1.99
N GLY A 41 2.02 -36.19 -2.95
CA GLY A 41 2.40 -36.70 -4.26
C GLY A 41 2.88 -35.64 -5.25
N ASP A 42 2.08 -34.58 -5.42
CA ASP A 42 2.33 -33.62 -6.50
C ASP A 42 2.14 -32.19 -6.05
N ALA A 43 3.15 -31.37 -6.28
CA ALA A 43 3.10 -29.94 -6.02
C ALA A 43 3.26 -29.16 -7.32
N LEU A 44 2.53 -28.10 -7.45
CA LEU A 44 2.57 -27.20 -8.60
C LEU A 44 3.13 -25.87 -8.12
N ASP A 45 4.24 -25.45 -8.74
CA ASP A 45 4.86 -24.13 -8.46
C ASP A 45 4.49 -23.20 -9.60
N CYS A 46 3.57 -22.27 -9.33
CA CYS A 46 2.94 -21.40 -10.29
C CYS A 46 3.71 -20.11 -10.40
N GLY A 47 4.35 -19.88 -11.51
CA GLY A 47 5.28 -18.72 -11.68
C GLY A 47 6.56 -19.01 -10.90
N CYS A 48 7.26 -20.05 -11.31
CA CYS A 48 8.34 -20.60 -10.55
C CYS A 48 9.69 -19.87 -10.72
N GLY A 49 9.77 -18.96 -11.69
CA GLY A 49 11.03 -18.33 -12.10
C GLY A 49 12.06 -19.37 -12.44
N SER A 50 13.23 -19.27 -11.80
CA SER A 50 14.30 -20.21 -12.00
C SER A 50 14.35 -21.29 -10.91
N GLY A 51 13.23 -21.50 -10.21
CA GLY A 51 13.11 -22.64 -9.34
C GLY A 51 13.43 -22.32 -7.91
N GLN A 52 13.37 -21.03 -7.61
CA GLN A 52 13.74 -20.55 -6.29
C GLN A 52 13.02 -21.24 -5.16
N ALA A 53 11.74 -21.68 -5.32
CA ALA A 53 10.97 -22.43 -4.32
C ALA A 53 10.68 -23.90 -4.67
N SER A 54 11.04 -24.26 -5.90
CA SER A 54 10.76 -25.57 -6.41
C SER A 54 11.49 -26.69 -5.66
N LEU A 55 12.78 -26.49 -5.41
CA LEU A 55 13.54 -27.48 -4.67
C LEU A 55 13.06 -27.62 -3.25
N GLY A 56 12.60 -26.53 -2.66
CA GLY A 56 11.98 -26.60 -1.32
C GLY A 56 10.76 -27.49 -1.26
N LEU A 57 9.91 -27.34 -2.25
CA LEU A 57 8.73 -28.22 -2.35
C LEU A 57 9.14 -29.65 -2.52
N ALA A 58 10.20 -29.89 -3.26
CA ALA A 58 10.63 -31.29 -3.53
C ALA A 58 11.03 -32.05 -2.27
N GLU A 59 11.35 -31.34 -1.17
CA GLU A 59 11.68 -32.02 0.09
C GLU A 59 10.47 -32.78 0.64
N PHE A 60 9.27 -32.25 0.37
CA PHE A 60 8.03 -32.76 0.97
C PHE A 60 7.06 -33.37 -0.01
N PHE A 61 7.25 -33.18 -1.30
CA PHE A 61 6.39 -33.71 -2.30
C PHE A 61 7.18 -34.55 -3.32
N GLU A 62 6.60 -35.68 -3.73
N GLU A 62 6.62 -35.68 -3.73
CA GLU A 62 7.28 -36.64 -4.57
CA GLU A 62 7.35 -36.62 -4.55
C GLU A 62 7.65 -36.03 -5.92
C GLU A 62 7.64 -36.07 -5.96
N ARG A 63 6.71 -35.31 -6.52
CA ARG A 63 6.85 -34.68 -7.82
C ARG A 63 6.53 -33.21 -7.72
N VAL A 64 7.38 -32.38 -8.30
CA VAL A 64 7.11 -31.00 -8.39
C VAL A 64 7.00 -30.61 -9.84
N HIS A 65 5.90 -29.94 -10.17
CA HIS A 65 5.64 -29.45 -11.52
C HIS A 65 5.78 -27.93 -11.45
N ALA A 66 6.72 -27.36 -12.15
CA ALA A 66 7.02 -25.94 -11.99
C ALA A 66 6.81 -25.28 -13.32
N VAL A 67 6.04 -24.23 -13.36
CA VAL A 67 5.77 -23.52 -14.58
C VAL A 67 6.09 -22.05 -14.50
N ASP A 68 6.62 -21.50 -15.61
CA ASP A 68 6.79 -20.07 -15.72
C ASP A 68 6.71 -19.69 -17.20
N PRO A 69 6.11 -18.55 -17.52
CA PRO A 69 6.01 -18.19 -18.95
C PRO A 69 7.31 -17.63 -19.49
N GLY A 70 8.29 -17.33 -18.65
CA GLY A 70 9.54 -16.77 -19.15
C GLY A 70 10.52 -17.84 -19.59
N GLU A 71 10.78 -17.94 -20.90
CA GLU A 71 11.69 -18.93 -21.40
C GLU A 71 13.09 -18.82 -20.79
N ALA A 72 13.57 -17.61 -20.63
CA ALA A 72 14.93 -17.39 -20.05
C ALA A 72 15.02 -17.91 -18.60
N GLN A 73 13.96 -17.68 -17.82
CA GLN A 73 13.86 -18.18 -16.44
C GLN A 73 13.93 -19.69 -16.47
N ILE A 74 13.13 -20.34 -17.32
CA ILE A 74 13.08 -21.78 -17.34
C ILE A 74 14.40 -22.39 -17.86
N ARG A 75 15.00 -21.74 -18.84
CA ARG A 75 16.31 -22.18 -19.33
C ARG A 75 17.36 -22.19 -18.21
N GLN A 76 17.30 -21.24 -17.30
CA GLN A 76 18.26 -21.17 -16.18
C GLN A 76 17.78 -21.90 -14.90
N ALA A 77 16.66 -22.61 -14.97
CA ALA A 77 16.08 -23.17 -13.76
C ALA A 77 16.97 -24.24 -13.14
N LEU A 78 16.96 -24.32 -11.82
CA LEU A 78 17.81 -25.28 -11.12
C LEU A 78 17.32 -26.69 -11.18
N ARG A 79 18.14 -27.61 -11.74
CA ARG A 79 17.73 -28.95 -11.96
C ARG A 79 17.62 -29.67 -10.61
N HIS A 80 16.64 -30.54 -10.54
CA HIS A 80 16.45 -31.45 -9.44
C HIS A 80 15.75 -32.69 -10.03
N PRO A 81 16.14 -33.90 -9.62
CA PRO A 81 15.55 -35.14 -10.15
C PRO A 81 14.05 -35.25 -10.07
N ARG A 82 13.42 -34.50 -9.17
CA ARG A 82 11.99 -34.62 -8.96
C ARG A 82 11.21 -33.39 -9.34
N VAL A 83 11.89 -32.44 -9.94
CA VAL A 83 11.26 -31.20 -10.40
C VAL A 83 11.24 -31.20 -11.91
N THR A 84 10.05 -30.98 -12.50
CA THR A 84 9.91 -30.86 -13.93
C THR A 84 9.47 -29.47 -14.27
N TYR A 85 10.27 -28.75 -15.03
CA TYR A 85 9.97 -27.37 -15.40
C TYR A 85 9.33 -27.32 -16.75
N ALA A 86 8.50 -26.32 -16.95
CA ALA A 86 7.91 -26.08 -18.28
C ALA A 86 7.63 -24.64 -18.49
N VAL A 87 7.77 -24.23 -19.74
CA VAL A 87 7.44 -22.89 -20.15
C VAL A 87 5.97 -22.85 -20.42
N ALA A 88 5.23 -22.19 -19.55
CA ALA A 88 3.77 -22.10 -19.68
C ALA A 88 3.31 -21.05 -18.70
N PRO A 89 2.18 -20.43 -19.00
CA PRO A 89 1.58 -19.55 -17.98
C PRO A 89 0.92 -20.34 -16.90
N ALA A 90 0.82 -19.77 -15.70
CA ALA A 90 0.14 -20.41 -14.59
C ALA A 90 -1.27 -20.81 -14.88
N GLU A 91 -1.93 -20.11 -15.80
CA GLU A 91 -3.34 -20.38 -16.08
C GLU A 91 -3.55 -21.50 -17.09
N ASP A 92 -2.46 -21.92 -17.74
CA ASP A 92 -2.53 -22.98 -18.79
C ASP A 92 -1.26 -23.83 -18.68
N THR A 93 -1.24 -24.70 -17.69
CA THR A 93 -0.05 -25.49 -17.30
C THR A 93 0.20 -26.66 -18.22
N GLY A 94 -0.84 -27.12 -18.87
CA GLY A 94 -0.81 -28.35 -19.66
C GLY A 94 -0.85 -29.65 -18.86
N LEU A 95 -0.93 -29.57 -17.53
CA LEU A 95 -0.90 -30.77 -16.68
C LEU A 95 -2.16 -31.55 -16.85
N PRO A 96 -2.12 -32.84 -16.55
CA PRO A 96 -3.37 -33.65 -16.49
C PRO A 96 -4.31 -33.11 -15.43
N PRO A 97 -5.61 -33.33 -15.63
CA PRO A 97 -6.57 -32.89 -14.67
C PRO A 97 -6.42 -33.74 -13.37
N ALA A 98 -6.86 -33.20 -12.23
CA ALA A 98 -6.90 -33.97 -10.99
C ALA A 98 -5.59 -34.69 -10.68
N SER A 99 -4.49 -33.94 -10.76
CA SER A 99 -3.18 -34.46 -10.60
C SER A 99 -2.31 -33.74 -9.58
N VAL A 100 -2.86 -32.71 -8.91
CA VAL A 100 -2.08 -31.87 -8.02
C VAL A 100 -2.63 -31.86 -6.61
N ASP A 101 -1.73 -31.97 -5.63
CA ASP A 101 -2.11 -31.96 -4.20
C ASP A 101 -1.92 -30.59 -3.56
N VAL A 102 -1.00 -29.80 -4.08
CA VAL A 102 -0.77 -28.44 -3.56
C VAL A 102 -0.27 -27.58 -4.70
N ALA A 103 -0.65 -26.33 -4.69
CA ALA A 103 -0.18 -25.32 -5.63
C ALA A 103 0.23 -24.08 -4.86
N ILE A 104 1.36 -23.50 -5.23
CA ILE A 104 1.84 -22.27 -4.59
C ILE A 104 2.14 -21.24 -5.63
N ALA A 105 1.90 -20.01 -5.31
CA ALA A 105 2.40 -18.89 -6.09
C ALA A 105 3.20 -18.04 -5.16
N ALA A 106 4.52 -18.07 -5.34
CA ALA A 106 5.43 -17.37 -4.41
C ALA A 106 6.31 -16.33 -5.15
N GLN A 107 5.97 -15.95 -6.37
CA GLN A 107 6.65 -14.86 -7.12
C GLN A 107 5.67 -13.82 -7.64
N ALA A 108 4.67 -13.54 -6.84
CA ALA A 108 3.83 -12.30 -7.05
C ALA A 108 2.73 -12.49 -8.09
N MSE A 109 2.51 -13.69 -8.58
CA MSE A 109 1.25 -13.83 -9.37
C MSE A 109 1.39 -12.86 -10.51
O MSE A 109 0.44 -12.04 -10.77
CB MSE A 109 0.00 -13.54 -8.50
CG MSE A 109 0.05 -14.57 -7.35
SE MSE A 109 -1.58 -14.79 -6.28
CE MSE A 109 -2.69 -15.77 -7.50
N HIS A 110 2.55 -12.94 -11.19
CA HIS A 110 2.95 -11.94 -12.16
C HIS A 110 2.28 -12.24 -13.45
N TRP A 111 1.49 -11.26 -13.87
CA TRP A 111 0.72 -11.31 -15.05
C TRP A 111 -0.36 -12.37 -14.94
N PHE A 112 -0.83 -12.73 -13.75
CA PHE A 112 -1.93 -13.73 -13.71
C PHE A 112 -3.28 -13.07 -13.96
N ASP A 113 -4.13 -13.74 -14.76
CA ASP A 113 -5.55 -13.41 -14.82
C ASP A 113 -6.15 -14.26 -13.71
N LEU A 114 -6.55 -13.64 -12.61
CA LEU A 114 -6.93 -14.46 -11.44
C LEU A 114 -8.04 -15.46 -11.75
N ASP A 115 -9.06 -15.02 -12.46
CA ASP A 115 -10.19 -15.93 -12.69
C ASP A 115 -9.86 -17.11 -13.63
N ARG A 116 -9.05 -16.88 -14.63
CA ARG A 116 -8.54 -18.02 -15.42
C ARG A 116 -7.64 -18.92 -14.58
N PHE A 117 -6.86 -18.33 -13.70
CA PHE A 117 -5.99 -19.08 -12.81
C PHE A 117 -6.82 -19.95 -11.90
N TRP A 118 -7.88 -19.43 -11.26
CA TRP A 118 -8.66 -20.25 -10.38
C TRP A 118 -9.27 -21.44 -11.13
N ALA A 119 -9.72 -21.19 -12.36
CA ALA A 119 -10.28 -22.28 -13.19
C ALA A 119 -9.26 -23.34 -13.41
N GLU A 120 -8.03 -22.93 -13.69
CA GLU A 120 -6.98 -23.92 -13.90
C GLU A 120 -6.70 -24.70 -12.63
N LEU A 121 -6.64 -24.03 -11.49
CA LEU A 121 -6.42 -24.80 -10.25
C LEU A 121 -7.54 -25.80 -10.01
N ARG A 122 -8.80 -25.42 -10.24
CA ARG A 122 -9.87 -26.35 -10.07
C ARG A 122 -9.74 -27.54 -10.99
N ARG A 123 -9.25 -27.32 -12.19
CA ARG A 123 -9.06 -28.42 -13.12
C ARG A 123 -7.97 -29.42 -12.65
N VAL A 124 -6.83 -28.89 -12.20
CA VAL A 124 -5.72 -29.76 -11.86
C VAL A 124 -5.83 -30.35 -10.44
N ALA A 125 -6.65 -29.77 -9.56
CA ALA A 125 -6.69 -30.17 -8.16
C ALA A 125 -7.29 -31.55 -7.99
N ARG A 126 -6.63 -32.29 -7.10
CA ARG A 126 -7.27 -33.42 -6.41
C ARG A 126 -8.17 -32.88 -5.32
N PRO A 127 -9.14 -33.71 -4.89
CA PRO A 127 -9.99 -33.29 -3.76
C PRO A 127 -9.19 -32.86 -2.56
N GLY A 128 -9.55 -31.73 -1.98
CA GLY A 128 -8.84 -31.21 -0.85
C GLY A 128 -7.54 -30.50 -1.13
N ALA A 129 -7.12 -30.45 -2.40
CA ALA A 129 -5.86 -29.77 -2.72
C ALA A 129 -5.79 -28.33 -2.24
N VAL A 130 -4.60 -27.92 -1.87
CA VAL A 130 -4.43 -26.60 -1.26
C VAL A 130 -3.76 -25.66 -2.24
N PHE A 131 -4.26 -24.43 -2.32
CA PHE A 131 -3.56 -23.35 -2.97
C PHE A 131 -3.06 -22.39 -1.89
N ALA A 132 -1.80 -21.99 -2.01
CA ALA A 132 -1.23 -20.92 -1.13
C ALA A 132 -0.54 -19.83 -1.95
N ALA A 133 -0.97 -18.58 -1.78
CA ALA A 133 -0.26 -17.42 -2.26
C ALA A 133 0.66 -16.95 -1.15
N VAL A 134 1.93 -16.87 -1.42
CA VAL A 134 2.96 -16.62 -0.40
C VAL A 134 3.85 -15.43 -0.78
N THR A 135 4.06 -14.53 0.17
CA THR A 135 4.99 -13.42 -0.01
C THR A 135 5.62 -13.13 1.36
N TYR A 136 6.46 -12.11 1.38
CA TYR A 136 7.10 -11.71 2.58
C TYR A 136 7.18 -10.21 2.62
N GLY A 137 7.32 -9.71 3.85
CA GLY A 137 7.32 -8.28 4.13
C GLY A 137 8.68 -7.69 4.44
N LEU A 138 8.66 -6.48 5.00
CA LEU A 138 9.90 -5.72 5.18
C LEU A 138 10.85 -6.36 6.14
N THR A 139 12.10 -6.47 5.73
CA THR A 139 13.14 -7.07 6.52
C THR A 139 13.27 -6.38 7.89
N ARG A 140 13.52 -7.18 8.91
CA ARG A 140 13.72 -6.69 10.28
C ARG A 140 15.00 -7.29 10.85
N VAL A 141 15.75 -6.51 11.60
CA VAL A 141 17.05 -6.93 12.14
C VAL A 141 17.12 -6.72 13.64
N ASP A 142 17.11 -5.46 14.02
CA ASP A 142 16.99 -5.03 15.42
C ASP A 142 16.57 -3.59 15.42
N PRO A 143 16.22 -3.05 16.60
CA PRO A 143 15.59 -1.78 16.50
C PRO A 143 16.47 -0.64 15.92
N GLU A 144 17.77 -0.64 16.19
N GLU A 144 17.76 -0.68 16.19
CA GLU A 144 18.67 0.38 15.65
CA GLU A 144 18.67 0.31 15.74
C GLU A 144 18.80 0.27 14.16
C GLU A 144 18.84 0.26 14.22
N VAL A 145 19.02 -0.94 13.66
CA VAL A 145 19.17 -1.13 12.23
C VAL A 145 17.84 -0.82 11.55
N ASP A 146 16.74 -1.28 12.17
CA ASP A 146 15.41 -1.07 11.58
C ASP A 146 15.09 0.41 11.42
N ALA A 147 15.51 1.26 12.34
CA ALA A 147 15.25 2.69 12.18
C ALA A 147 15.89 3.26 10.91
N VAL A 148 17.10 2.79 10.62
CA VAL A 148 17.80 3.25 9.43
C VAL A 148 17.07 2.70 8.18
N VAL A 149 16.73 1.42 8.19
CA VAL A 149 16.02 0.83 7.06
C VAL A 149 14.69 1.52 6.82
N ASP A 150 13.98 1.83 7.91
CA ASP A 150 12.72 2.55 7.77
C ASP A 150 12.88 3.93 7.11
N ARG A 151 13.94 4.66 7.46
N ARG A 151 13.93 4.66 7.47
CA ARG A 151 14.24 5.91 6.82
CA ARG A 151 14.24 5.91 6.81
C ARG A 151 14.55 5.75 5.33
C ARG A 151 14.52 5.73 5.33
N LEU A 152 15.29 4.71 4.98
CA LEU A 152 15.54 4.38 3.57
C LEU A 152 14.24 4.12 2.85
N TYR A 153 13.45 3.19 3.38
CA TYR A 153 12.28 2.68 2.69
C TYR A 153 11.11 3.65 2.57
N HIS A 154 10.81 4.31 3.70
CA HIS A 154 9.68 5.26 3.80
C HIS A 154 10.09 6.69 3.55
N GLY A 155 11.38 6.96 3.58
CA GLY A 155 11.91 8.32 3.41
C GLY A 155 12.62 8.51 2.10
N LEU A 156 13.86 8.09 2.03
N LEU A 156 13.89 8.15 2.05
CA LEU A 156 14.70 8.39 0.89
CA LEU A 156 14.71 8.27 0.84
C LEU A 156 14.16 7.77 -0.43
C LEU A 156 14.04 7.80 -0.42
N LEU A 157 13.54 6.58 -0.35
CA LEU A 157 12.95 5.93 -1.50
C LEU A 157 11.45 6.14 -1.69
N ALA A 158 10.79 6.98 -0.90
CA ALA A 158 9.37 7.02 -1.00
C ALA A 158 8.84 7.39 -2.39
N ARG A 159 9.55 8.22 -3.16
CA ARG A 159 9.11 8.56 -4.49
C ARG A 159 9.39 7.47 -5.52
N ASP A 160 10.14 6.46 -5.11
CA ASP A 160 10.75 5.51 -6.06
C ASP A 160 10.16 4.11 -6.00
N TRP A 161 9.08 3.93 -5.26
CA TRP A 161 8.53 2.59 -5.18
C TRP A 161 7.95 2.24 -6.53
N PRO A 162 8.03 0.97 -6.88
CA PRO A 162 7.50 0.55 -8.16
C PRO A 162 5.99 0.68 -8.26
N PRO A 163 5.44 0.55 -9.46
CA PRO A 163 3.99 0.57 -9.60
C PRO A 163 3.34 -0.39 -8.61
N GLU A 164 2.24 0.07 -8.04
CA GLU A 164 1.56 -0.61 -6.95
C GLU A 164 1.06 -1.97 -7.44
N ARG A 165 1.37 -3.00 -6.67
CA ARG A 165 0.83 -4.34 -6.82
C ARG A 165 0.05 -4.60 -5.55
N VAL A 166 -1.21 -4.20 -5.59
CA VAL A 166 -2.00 -4.10 -4.34
C VAL A 166 -2.03 -5.42 -3.58
N HIS A 167 -2.19 -6.54 -4.30
CA HIS A 167 -2.36 -7.79 -3.57
C HIS A 167 -1.08 -8.24 -2.90
N VAL A 168 0.03 -8.36 -3.61
CA VAL A 168 1.25 -8.85 -2.98
C VAL A 168 1.68 -7.84 -1.89
N GLU A 169 1.50 -6.54 -2.08
CA GLU A 169 1.89 -5.58 -1.04
C GLU A 169 1.06 -5.68 0.21
N SER A 170 -0.15 -6.15 0.13
CA SER A 170 -0.95 -6.34 1.31
C SER A 170 -0.73 -7.71 1.96
N GLY A 171 0.28 -8.49 1.52
CA GLY A 171 0.46 -9.83 2.01
C GLY A 171 -0.70 -10.73 1.59
N TYR A 172 -1.29 -10.39 0.45
CA TYR A 172 -2.45 -11.05 -0.13
C TYR A 172 -3.72 -10.93 0.69
N ARG A 173 -3.75 -10.02 1.65
CA ARG A 173 -5.00 -9.72 2.40
C ARG A 173 -6.13 -9.27 1.48
N THR A 174 -5.79 -8.54 0.43
CA THR A 174 -6.78 -7.96 -0.48
C THR A 174 -7.09 -8.85 -1.68
N LEU A 175 -6.40 -9.98 -1.78
CA LEU A 175 -6.56 -10.84 -2.95
C LEU A 175 -7.99 -11.39 -2.91
N PRO A 176 -8.79 -11.23 -3.99
CA PRO A 176 -10.10 -11.86 -4.12
C PRO A 176 -9.87 -13.37 -4.12
N PHE A 177 -10.35 -14.09 -3.12
CA PHE A 177 -9.87 -15.47 -2.91
C PHE A 177 -11.08 -16.36 -2.85
N PRO A 178 -11.28 -17.24 -3.83
CA PRO A 178 -12.53 -17.95 -3.93
C PRO A 178 -12.65 -19.26 -3.15
N PHE A 179 -11.61 -19.66 -2.42
CA PHE A 179 -11.53 -20.96 -1.76
C PHE A 179 -11.75 -20.85 -0.27
N PRO A 180 -12.43 -21.82 0.36
CA PRO A 180 -12.50 -21.83 1.82
C PRO A 180 -11.09 -21.84 2.43
N GLU A 181 -10.81 -20.94 3.33
CA GLU A 181 -9.47 -20.68 3.74
C GLU A 181 -9.01 -21.48 4.90
N LEU A 182 -7.72 -21.75 4.89
CA LEU A 182 -6.97 -22.22 6.03
C LEU A 182 -6.43 -21.02 6.81
N GLU A 183 -6.15 -21.22 8.10
CA GLU A 183 -5.42 -20.24 8.90
C GLU A 183 -3.92 -20.64 8.89
N ALA A 184 -3.13 -19.86 8.19
CA ALA A 184 -1.73 -20.15 8.12
C ALA A 184 -1.01 -19.73 9.40
N PRO A 185 -0.04 -20.51 9.86
CA PRO A 185 0.71 -20.20 11.07
C PRO A 185 1.71 -19.09 10.82
N PRO A 186 2.17 -18.45 11.89
CA PRO A 186 3.18 -17.43 11.68
C PRO A 186 4.51 -18.09 11.26
N LEU A 187 5.13 -17.57 10.22
CA LEU A 187 6.33 -18.09 9.69
C LEU A 187 7.21 -16.91 9.30
N GLU A 188 8.52 -17.12 9.32
CA GLU A 188 9.44 -16.06 8.88
C GLU A 188 10.62 -16.65 8.10
N ILE A 189 11.15 -15.80 7.25
CA ILE A 189 12.42 -16.06 6.62
C ILE A 189 13.50 -15.65 7.62
N GLU A 190 14.58 -16.43 7.70
N GLU A 190 14.57 -16.44 7.74
CA GLU A 190 15.70 -16.13 8.59
CA GLU A 190 15.71 -16.06 8.58
C GLU A 190 16.99 -16.29 7.78
C GLU A 190 16.99 -16.29 7.78
N GLU A 191 17.84 -15.27 7.83
CA GLU A 191 19.17 -15.36 7.29
C GLU A 191 20.16 -14.87 8.32
N ARG A 192 21.43 -15.25 8.19
CA ARG A 192 22.49 -14.76 9.05
C ARG A 192 23.49 -14.00 8.17
N TRP A 193 23.42 -12.67 8.17
CA TRP A 193 24.10 -11.83 7.23
C TRP A 193 24.92 -10.74 7.91
N PRO A 194 26.17 -10.55 7.47
CA PRO A 194 26.92 -9.33 7.82
C PRO A 194 26.40 -8.12 7.01
N MSE A 195 26.89 -6.91 7.36
CA MSE A 195 26.36 -5.72 6.76
C MSE A 195 26.48 -5.68 5.26
O MSE A 195 25.57 -5.21 4.58
CB MSE A 195 27.06 -4.47 7.35
CG MSE A 195 26.21 -3.25 6.99
SE MSE A 195 27.13 -1.67 7.69
CE MSE A 195 28.50 -1.53 6.30
N ASP A 196 27.59 -6.16 4.71
CA ASP A 196 27.77 -6.05 3.28
C ASP A 196 26.74 -6.93 2.54
N ALA A 197 26.41 -8.10 3.08
CA ALA A 197 25.34 -8.92 2.46
C ALA A 197 23.99 -8.25 2.55
N PHE A 198 23.73 -7.62 3.68
CA PHE A 198 22.46 -6.94 3.86
C PHE A 198 22.33 -5.75 2.89
N LEU A 199 23.40 -5.00 2.71
CA LEU A 199 23.41 -3.89 1.70
C LEU A 199 23.20 -4.40 0.30
N GLY A 200 23.83 -5.53 0.01
CA GLY A 200 23.68 -6.17 -1.26
C GLY A 200 22.23 -6.54 -1.50
N TYR A 201 21.57 -7.08 -0.48
CA TYR A 201 20.17 -7.35 -0.56
C TYR A 201 19.32 -6.07 -0.81
N LEU A 202 19.61 -5.03 -0.06
CA LEU A 202 18.85 -3.79 -0.27
C LEU A 202 18.99 -3.27 -1.69
N GLY A 203 20.16 -3.52 -2.27
CA GLY A 203 20.44 -3.15 -3.65
C GLY A 203 19.57 -3.87 -4.67
N THR A 204 18.91 -4.94 -4.26
CA THR A 204 17.93 -5.66 -5.12
C THR A 204 16.56 -5.03 -5.15
N TRP A 205 16.24 -4.14 -4.23
CA TRP A 205 14.96 -3.51 -4.24
C TRP A 205 14.77 -2.68 -5.50
N SER A 206 13.64 -2.86 -6.16
N SER A 206 13.64 -2.84 -6.18
CA SER A 206 13.29 -2.03 -7.30
CA SER A 206 13.40 -2.00 -7.36
C SER A 206 13.44 -0.55 -7.03
C SER A 206 13.41 -0.50 -7.05
N ALA A 207 13.02 -0.14 -5.84
CA ALA A 207 13.09 1.27 -5.46
C ALA A 207 14.50 1.83 -5.45
N VAL A 208 15.47 0.99 -5.11
CA VAL A 208 16.88 1.47 -5.12
C VAL A 208 17.28 1.78 -6.56
N THR A 209 17.01 0.88 -7.51
CA THR A 209 17.30 1.16 -8.89
C THR A 209 16.58 2.39 -9.39
N ALA A 210 15.30 2.51 -9.03
CA ALA A 210 14.55 3.66 -9.49
C ALA A 210 15.07 4.98 -8.95
N HIS A 211 15.51 4.96 -7.70
CA HIS A 211 16.14 6.13 -7.10
C HIS A 211 17.39 6.54 -7.87
N ARG A 212 18.22 5.56 -8.22
N ARG A 212 18.24 5.56 -8.21
CA ARG A 212 19.41 5.86 -9.03
CA ARG A 212 19.44 5.85 -8.96
C ARG A 212 19.03 6.47 -10.37
C ARG A 212 19.07 6.44 -10.33
N ARG A 213 18.00 5.94 -11.01
N ARG A 213 18.02 5.91 -10.93
CA ARG A 213 17.60 6.48 -12.30
CA ARG A 213 17.60 6.35 -12.25
C ARG A 213 17.09 7.88 -12.22
C ARG A 213 17.04 7.80 -12.23
N ARG A 214 16.45 8.22 -11.11
CA ARG A 214 15.85 9.51 -10.96
C ARG A 214 16.86 10.57 -10.57
N THR A 215 17.75 10.23 -9.66
CA THR A 215 18.65 11.18 -9.04
C THR A 215 20.11 11.08 -9.45
N GLY A 216 20.50 9.93 -10.02
CA GLY A 216 21.90 9.62 -10.26
C GLY A 216 22.72 9.40 -9.03
N ALA A 217 22.08 9.27 -7.86
CA ALA A 217 22.79 9.09 -6.61
C ALA A 217 22.42 7.71 -6.08
N ASP A 218 23.37 7.12 -5.38
CA ASP A 218 23.19 5.79 -4.82
C ASP A 218 22.63 5.92 -3.40
N PRO A 219 21.39 5.49 -3.19
CA PRO A 219 20.84 5.74 -1.86
C PRO A 219 21.48 4.87 -0.81
N LEU A 220 22.11 3.78 -1.23
CA LEU A 220 22.76 2.90 -0.27
C LEU A 220 24.07 3.51 0.23
N ALA A 221 24.77 4.24 -0.63
CA ALA A 221 25.92 4.98 -0.15
C ALA A 221 25.50 6.04 0.84
N GLU A 222 24.37 6.67 0.60
CA GLU A 222 23.86 7.70 1.45
C GLU A 222 23.55 7.16 2.81
N ILE A 223 22.94 5.99 2.91
CA ILE A 223 22.58 5.49 4.23
C ILE A 223 23.67 4.67 4.96
N ALA A 224 24.76 4.34 4.27
CA ALA A 224 25.73 3.40 4.81
C ALA A 224 26.37 3.88 6.12
N PRO A 225 26.70 5.18 6.22
CA PRO A 225 27.25 5.57 7.55
C PRO A 225 26.31 5.32 8.70
N ALA A 226 25.06 5.70 8.55
CA ALA A 226 24.06 5.44 9.58
C ALA A 226 23.86 3.96 9.81
N LEU A 227 23.86 3.17 8.74
CA LEU A 227 23.73 1.76 8.91
C LEU A 227 24.91 1.15 9.67
N ARG A 228 26.12 1.61 9.40
N ARG A 228 26.09 1.63 9.37
CA ARG A 228 27.30 1.06 10.11
CA ARG A 228 27.32 1.18 10.01
C ARG A 228 27.25 1.43 11.59
C ARG A 228 27.27 1.45 11.51
N ALA A 229 26.84 2.65 11.88
CA ALA A 229 26.73 3.00 13.25
C ALA A 229 25.72 2.11 13.99
N ALA A 230 24.63 1.74 13.33
CA ALA A 230 23.58 0.92 13.92
C ALA A 230 23.98 -0.52 14.02
N TRP A 231 24.76 -0.95 13.03
CA TRP A 231 25.19 -2.35 12.89
C TRP A 231 26.25 -2.74 13.92
N GLY A 232 27.15 -1.78 14.19
CA GLY A 232 28.40 -2.03 14.85
C GLY A 232 29.30 -2.70 13.83
N THR A 233 30.27 -3.43 14.35
CA THR A 233 31.26 -4.13 13.53
C THR A 233 30.61 -4.74 12.33
N PRO A 234 30.90 -4.20 11.15
CA PRO A 234 30.10 -4.56 9.95
C PRO A 234 30.25 -6.04 9.51
N GLU A 235 31.36 -6.63 9.85
CA GLU A 235 31.63 -7.99 9.46
C GLU A 235 30.87 -9.00 10.29
N ARG A 236 30.28 -8.60 11.40
CA ARG A 236 29.54 -9.52 12.24
C ARG A 236 28.19 -9.84 11.62
N PRO A 237 27.89 -11.13 11.41
CA PRO A 237 26.59 -11.52 10.90
C PRO A 237 25.52 -11.38 11.96
N LEU A 238 24.43 -10.77 11.55
CA LEU A 238 23.25 -10.57 12.40
C LEU A 238 22.10 -11.41 11.90
N ARG A 239 21.16 -11.72 12.78
N ARG A 239 21.17 -11.75 12.78
CA ARG A 239 19.97 -12.43 12.36
CA ARG A 239 19.96 -12.47 12.36
C ARG A 239 19.03 -11.47 11.67
C ARG A 239 19.05 -11.47 11.67
N VAL A 240 18.75 -11.74 10.42
CA VAL A 240 17.87 -10.94 9.59
C VAL A 240 16.61 -11.74 9.31
N THR A 241 15.45 -11.14 9.51
CA THR A 241 14.20 -11.84 9.29
C THR A 241 13.28 -11.04 8.36
N TRP A 242 12.33 -11.76 7.75
CA TRP A 242 11.24 -11.17 6.97
C TRP A 242 9.97 -11.95 7.35
N PRO A 243 8.90 -11.25 7.68
CA PRO A 243 7.69 -11.96 8.02
C PRO A 243 7.01 -12.52 6.78
N ILE A 244 6.59 -13.78 6.83
CA ILE A 244 5.93 -14.38 5.70
C ILE A 244 4.40 -14.16 5.78
N ALA A 245 3.78 -13.83 4.66
CA ALA A 245 2.33 -13.68 4.56
C ALA A 245 1.82 -14.74 3.59
N ILE A 246 0.75 -15.39 3.99
CA ILE A 246 0.18 -16.49 3.22
C ILE A 246 -1.35 -16.28 3.17
N ARG A 247 -1.94 -16.53 2.03
CA ARG A 247 -3.37 -16.68 1.91
C ARG A 247 -3.52 -18.06 1.27
N ALA A 248 -4.21 -18.93 1.97
CA ALA A 248 -4.32 -20.34 1.57
C ALA A 248 -5.72 -20.89 1.75
N GLY A 249 -6.10 -21.84 0.89
CA GLY A 249 -7.38 -22.51 1.02
C GLY A 249 -7.44 -23.75 0.19
N ARG A 250 -8.55 -24.45 0.35
CA ARG A 250 -8.77 -25.69 -0.34
C ARG A 250 -9.48 -25.42 -1.67
N ILE A 251 -8.85 -25.84 -2.73
CA ILE A 251 -9.31 -25.55 -4.10
C ILE A 251 -10.59 -26.32 -4.36
N LEU A 252 -10.64 -27.58 -3.92
CA LEU A 252 -11.84 -28.39 -4.03
C LEU A 252 -12.06 -29.09 -2.68
N PRO A 253 -13.34 -29.37 -2.36
CA PRO A 253 -13.55 -30.01 -1.07
C PRO A 253 -13.05 -31.44 -1.03
N HIS A 254 -12.71 -31.91 0.17
CA HIS A 254 -12.28 -33.31 0.34
C HIS A 254 -13.37 -34.25 -0.13
N ALA B 20 -12.03 29.00 -7.27
CA ALA B 20 -11.66 27.68 -6.61
C ALA B 20 -12.62 27.13 -5.53
N PHE B 21 -13.21 26.02 -5.88
CA PHE B 21 -13.97 25.22 -4.98
C PHE B 21 -13.13 23.98 -4.69
N ARG B 22 -13.32 23.41 -3.50
N ARG B 22 -13.40 23.39 -3.53
CA ARG B 22 -12.55 22.27 -3.06
CA ARG B 22 -12.67 22.23 -3.06
C ARG B 22 -13.34 21.00 -3.46
C ARG B 22 -13.40 20.97 -3.53
N PRO B 23 -12.67 19.94 -3.88
CA PRO B 23 -13.32 18.61 -4.01
C PRO B 23 -13.81 18.14 -2.63
N ARG B 24 -15.05 17.69 -2.54
CA ARG B 24 -15.62 17.33 -1.22
C ARG B 24 -15.70 15.82 -1.03
N TYR B 25 -15.23 15.29 0.12
CA TYR B 25 -15.47 13.90 0.40
C TYR B 25 -16.99 13.58 0.40
N PRO B 26 -17.35 12.47 -0.19
CA PRO B 26 -18.74 12.12 -0.36
C PRO B 26 -19.37 11.49 0.89
N ARG B 27 -20.68 11.59 0.96
N ARG B 27 -20.69 11.58 0.97
CA ARG B 27 -21.41 11.00 2.06
CA ARG B 27 -21.40 10.99 2.10
C ARG B 27 -21.05 9.54 2.22
C ARG B 27 -21.10 9.50 2.22
N ALA B 28 -20.85 8.82 1.11
CA ALA B 28 -20.54 7.42 1.14
C ALA B 28 -19.26 7.08 1.94
N LEU B 29 -18.30 7.99 1.95
CA LEU B 29 -17.08 7.80 2.79
C LEU B 29 -17.50 7.75 4.28
N PHE B 30 -18.25 8.74 4.72
CA PHE B 30 -18.65 8.84 6.12
C PHE B 30 -19.59 7.69 6.51
N ARG B 31 -20.42 7.26 5.55
CA ARG B 31 -21.31 6.13 5.78
C ARG B 31 -20.52 4.87 6.02
N TRP B 32 -19.47 4.66 5.21
CA TRP B 32 -18.58 3.50 5.38
C TRP B 32 -17.88 3.51 6.71
N LEU B 33 -17.39 4.68 7.10
CA LEU B 33 -16.74 4.83 8.42
C LEU B 33 -17.71 4.40 9.50
N GLY B 34 -18.97 4.76 9.35
CA GLY B 34 -20.01 4.35 10.29
C GLY B 34 -20.21 2.84 10.32
N GLU B 35 -20.04 2.17 9.18
CA GLU B 35 -20.26 0.77 9.10
C GLU B 35 -19.13 -0.01 9.69
N VAL B 36 -17.88 0.44 9.54
CA VAL B 36 -16.74 -0.32 10.02
C VAL B 36 -16.33 -0.03 11.46
N ALA B 37 -16.80 1.07 11.99
CA ALA B 37 -16.48 1.45 13.37
C ALA B 37 -17.21 0.49 14.33
N PRO B 38 -16.69 0.33 15.54
CA PRO B 38 -17.33 -0.60 16.48
C PRO B 38 -18.67 -0.06 17.01
N ALA B 39 -18.87 1.23 16.88
CA ALA B 39 -20.10 1.91 17.30
C ALA B 39 -20.11 3.27 16.64
N ARG B 40 -21.28 3.91 16.69
N ARG B 40 -21.26 3.93 16.70
CA ARG B 40 -21.46 5.20 15.99
CA ARG B 40 -21.41 5.21 16.00
C ARG B 40 -21.60 6.32 17.00
C ARG B 40 -21.58 6.34 17.00
N GLY B 41 -20.86 6.24 18.10
CA GLY B 41 -20.95 7.25 19.12
C GLY B 41 -20.02 8.45 18.92
N ASP B 42 -18.72 8.20 18.69
CA ASP B 42 -17.74 9.24 18.73
C ASP B 42 -16.74 9.10 17.60
N ALA B 43 -16.53 10.19 16.89
CA ALA B 43 -15.55 10.33 15.83
C ALA B 43 -14.58 11.43 16.18
N LEU B 44 -13.32 11.21 15.82
CA LEU B 44 -12.23 12.13 15.99
C LEU B 44 -11.70 12.55 14.63
N ASP B 45 -11.74 13.84 14.36
CA ASP B 45 -11.18 14.42 13.11
C ASP B 45 -9.84 15.09 13.43
N CYS B 46 -8.77 14.37 13.08
CA CYS B 46 -7.39 14.70 13.37
C CYS B 46 -6.79 15.65 12.35
N GLY B 47 -6.55 16.90 12.73
CA GLY B 47 -6.14 17.91 11.76
C GLY B 47 -7.32 18.37 10.93
N CYS B 48 -8.31 18.93 11.59
CA CYS B 48 -9.63 19.14 11.02
C CYS B 48 -9.79 20.34 10.13
N GLY B 49 -8.78 21.22 10.16
CA GLY B 49 -8.82 22.47 9.41
C GLY B 49 -10.01 23.27 9.88
N SER B 50 -10.81 23.79 8.96
N SER B 50 -10.80 23.78 8.93
CA SER B 50 -11.99 24.54 9.37
CA SER B 50 -12.00 24.55 9.26
C SER B 50 -13.24 23.65 9.24
C SER B 50 -13.25 23.66 9.28
N GLY B 51 -13.06 22.33 9.40
CA GLY B 51 -14.19 21.42 9.61
C GLY B 51 -14.78 20.82 8.37
N GLN B 52 -13.93 20.87 7.35
CA GLN B 52 -14.24 20.42 6.02
C GLN B 52 -14.76 18.98 5.92
N ALA B 53 -14.40 18.06 6.89
CA ALA B 53 -14.86 16.64 7.05
C ALA B 53 -15.66 16.39 8.35
N SER B 54 -15.64 17.35 9.27
CA SER B 54 -16.25 17.15 10.57
C SER B 54 -17.75 17.10 10.47
N LEU B 55 -18.34 17.98 9.66
CA LEU B 55 -19.80 17.91 9.52
C LEU B 55 -20.21 16.64 8.76
N GLY B 56 -19.34 16.16 7.88
CA GLY B 56 -19.61 14.87 7.24
C GLY B 56 -19.68 13.70 8.20
N LEU B 57 -18.77 13.65 9.14
CA LEU B 57 -18.77 12.61 10.16
C LEU B 57 -19.99 12.75 11.02
N ALA B 58 -20.47 13.99 11.23
CA ALA B 58 -21.61 14.19 12.14
C ALA B 58 -22.91 13.54 11.63
N GLU B 59 -22.97 13.27 10.33
CA GLU B 59 -24.13 12.59 9.80
C GLU B 59 -24.28 11.20 10.37
N PHE B 60 -23.14 10.53 10.65
CA PHE B 60 -23.14 9.13 11.08
C PHE B 60 -22.67 8.86 12.46
N PHE B 61 -22.11 9.85 13.18
CA PHE B 61 -21.59 9.68 14.51
C PHE B 61 -22.29 10.72 15.40
N GLU B 62 -22.67 10.28 16.59
N GLU B 62 -22.67 10.31 16.59
CA GLU B 62 -23.44 11.13 17.50
CA GLU B 62 -23.46 11.17 17.47
C GLU B 62 -22.63 12.36 17.90
C GLU B 62 -22.64 12.37 17.93
N ARG B 63 -21.36 12.15 18.21
CA ARG B 63 -20.44 13.20 18.65
C ARG B 63 -19.20 13.24 17.78
N VAL B 64 -18.82 14.43 17.34
CA VAL B 64 -17.58 14.61 16.60
C VAL B 64 -16.65 15.53 17.37
N HIS B 65 -15.40 15.07 17.53
CA HIS B 65 -14.39 15.82 18.26
C HIS B 65 -13.35 16.16 17.21
N ALA B 66 -13.16 17.43 16.97
CA ALA B 66 -12.34 17.89 15.86
C ALA B 66 -11.19 18.71 16.45
N VAL B 67 -9.96 18.37 16.08
CA VAL B 67 -8.81 19.11 16.58
C VAL B 67 -7.93 19.61 15.46
N ASP B 68 -7.37 20.81 15.65
CA ASP B 68 -6.34 21.31 14.75
C ASP B 68 -5.47 22.25 15.57
N PRO B 69 -4.17 22.27 15.32
CA PRO B 69 -3.31 23.14 16.12
C PRO B 69 -3.40 24.59 15.67
N GLY B 70 -4.03 24.86 14.53
CA GLY B 70 -4.16 26.24 14.02
C GLY B 70 -5.31 27.03 14.62
N GLU B 71 -4.97 28.06 15.41
CA GLU B 71 -5.93 28.92 16.06
C GLU B 71 -6.91 29.51 15.07
N ALA B 72 -6.37 30.06 13.98
CA ALA B 72 -7.22 30.66 12.93
C ALA B 72 -8.14 29.63 12.28
N GLN B 73 -7.63 28.43 12.05
CA GLN B 73 -8.47 27.38 11.43
C GLN B 73 -9.68 27.10 12.30
N ILE B 74 -9.42 26.92 13.59
CA ILE B 74 -10.48 26.58 14.53
C ILE B 74 -11.43 27.77 14.70
N ARG B 75 -10.89 28.97 14.76
CA ARG B 75 -11.74 30.16 14.79
C ARG B 75 -12.74 30.18 13.63
N GLN B 76 -12.30 29.80 12.43
CA GLN B 76 -13.14 29.81 11.24
C GLN B 76 -13.90 28.54 11.00
N ALA B 77 -13.83 27.61 11.92
CA ALA B 77 -14.40 26.32 11.64
C ALA B 77 -15.91 26.35 11.66
N LEU B 78 -16.49 25.54 10.81
CA LEU B 78 -17.92 25.53 10.63
C LEU B 78 -18.69 24.90 11.79
N ARG B 79 -19.58 25.71 12.41
CA ARG B 79 -20.30 25.24 13.56
C ARG B 79 -21.32 24.14 13.24
N HIS B 80 -21.49 23.24 14.21
CA HIS B 80 -22.51 22.22 14.16
C HIS B 80 -22.79 21.78 15.58
N PRO B 81 -24.05 21.52 15.93
CA PRO B 81 -24.36 21.25 17.32
C PRO B 81 -23.76 19.98 17.86
N ARG B 82 -23.26 19.10 17.00
CA ARG B 82 -22.64 17.84 17.44
C ARG B 82 -21.19 17.76 17.15
N VAL B 83 -20.59 18.89 16.78
CA VAL B 83 -19.13 18.98 16.58
C VAL B 83 -18.52 19.90 17.64
N THR B 84 -17.54 19.38 18.34
CA THR B 84 -16.75 20.17 19.26
C THR B 84 -15.34 20.35 18.72
N TYR B 85 -14.98 21.62 18.51
CA TYR B 85 -13.66 21.94 18.00
C TYR B 85 -12.74 22.29 19.16
N ALA B 86 -11.49 21.95 19.03
CA ALA B 86 -10.47 22.41 19.95
C ALA B 86 -9.14 22.68 19.24
N VAL B 87 -8.41 23.69 19.75
CA VAL B 87 -7.06 23.94 19.30
C VAL B 87 -6.15 22.95 20.05
N ALA B 88 -5.60 21.99 19.31
CA ALA B 88 -4.76 20.98 19.87
C ALA B 88 -4.07 20.31 18.73
N PRO B 89 -2.87 19.80 18.99
CA PRO B 89 -2.27 18.97 17.94
C PRO B 89 -2.89 17.58 17.96
N ALA B 90 -2.81 16.88 16.84
CA ALA B 90 -3.36 15.54 16.74
C ALA B 90 -2.78 14.54 17.71
N GLU B 91 -1.51 14.77 18.08
CA GLU B 91 -0.85 13.89 19.03
C GLU B 91 -1.23 14.12 20.49
N ASP B 92 -1.89 15.23 20.76
CA ASP B 92 -2.25 15.57 22.15
C ASP B 92 -3.60 16.27 22.16
N THR B 93 -4.66 15.47 22.00
CA THR B 93 -6.01 15.99 21.79
C THR B 93 -6.67 16.48 23.07
N GLY B 94 -6.23 15.99 24.22
CA GLY B 94 -6.89 16.34 25.49
C GLY B 94 -8.15 15.52 25.75
N LEU B 95 -8.53 14.62 24.86
CA LEU B 95 -9.77 13.87 25.03
C LEU B 95 -9.65 12.82 26.12
N PRO B 96 -10.77 12.34 26.61
CA PRO B 96 -10.71 11.20 27.50
C PRO B 96 -10.20 9.94 26.83
N PRO B 97 -9.62 9.07 27.62
CA PRO B 97 -9.18 7.79 27.07
C PRO B 97 -10.39 6.90 26.74
N ALA B 98 -10.19 5.98 25.81
CA ALA B 98 -11.23 5.04 25.47
C ALA B 98 -12.56 5.74 25.22
N SER B 99 -12.53 6.75 24.37
CA SER B 99 -13.70 7.57 24.09
C SER B 99 -14.01 7.76 22.61
N VAL B 100 -13.29 7.05 21.74
CA VAL B 100 -13.41 7.26 20.31
C VAL B 100 -13.67 5.95 19.59
N ASP B 101 -14.61 5.98 18.65
CA ASP B 101 -14.92 4.82 17.82
C ASP B 101 -14.23 4.86 16.46
N VAL B 102 -14.03 6.04 15.88
CA VAL B 102 -13.34 6.17 14.62
C VAL B 102 -12.54 7.44 14.65
N ALA B 103 -11.38 7.43 14.01
CA ALA B 103 -10.52 8.60 13.89
C ALA B 103 -10.10 8.66 12.44
N ILE B 104 -10.13 9.87 11.91
CA ILE B 104 -9.68 10.11 10.56
C ILE B 104 -8.68 11.23 10.49
N ALA B 105 -7.76 11.12 9.56
CA ALA B 105 -6.91 12.21 9.17
C ALA B 105 -7.11 12.41 7.72
N ALA B 106 -7.80 13.49 7.38
CA ALA B 106 -8.21 13.75 5.99
C ALA B 106 -7.61 15.02 5.38
N GLN B 107 -6.64 15.63 6.05
CA GLN B 107 -5.87 16.76 5.53
C GLN B 107 -4.37 16.45 5.65
N ALA B 108 -3.51 17.43 5.79
CA ALA B 108 -2.06 17.11 5.73
C ALA B 108 -1.59 16.37 6.98
N MSE B 109 -0.83 15.26 6.83
CA MSE B 109 -0.27 14.61 8.03
C MSE B 109 1.21 14.80 8.20
O MSE B 109 1.81 14.26 9.12
CB MSE B 109 -0.42 13.08 8.01
CG MSE B 109 -1.86 12.57 8.03
SE MSE B 109 -1.97 10.58 7.94
CE MSE B 109 -1.41 10.06 9.66
N HIS B 110 1.84 15.55 7.29
CA HIS B 110 3.31 15.56 7.31
C HIS B 110 3.85 16.39 8.49
N TRP B 111 3.00 17.12 9.20
N TRP B 111 2.97 17.14 9.16
CA TRP B 111 3.46 17.80 10.40
CA TRP B 111 3.33 17.86 10.39
C TRP B 111 3.32 16.90 11.63
C TRP B 111 3.02 17.04 11.66
N PHE B 112 2.61 15.78 11.50
CA PHE B 112 2.42 14.87 12.68
C PHE B 112 3.74 14.17 12.96
N ASP B 113 4.01 13.91 14.24
CA ASP B 113 5.00 12.94 14.68
C ASP B 113 4.19 11.64 14.71
N LEU B 114 4.37 10.78 13.70
CA LEU B 114 3.49 9.63 13.51
C LEU B 114 3.44 8.71 14.76
N ASP B 115 4.62 8.49 15.38
CA ASP B 115 4.67 7.60 16.51
C ASP B 115 3.98 8.15 17.76
N ARG B 116 4.12 9.45 18.00
CA ARG B 116 3.34 10.05 19.09
C ARG B 116 1.85 10.05 18.75
N PHE B 117 1.53 10.19 17.49
CA PHE B 117 0.17 10.13 17.02
C PHE B 117 -0.47 8.77 17.25
N TRP B 118 0.22 7.71 16.87
CA TRP B 118 -0.34 6.37 17.07
C TRP B 118 -0.57 6.15 18.56
N ALA B 119 0.37 6.58 19.42
CA ALA B 119 0.21 6.42 20.87
C ALA B 119 -1.06 7.12 21.36
N GLU B 120 -1.33 8.30 20.80
CA GLU B 120 -2.54 9.04 21.14
C GLU B 120 -3.79 8.36 20.68
N LEU B 121 -3.76 7.78 19.48
CA LEU B 121 -4.90 6.98 18.98
C LEU B 121 -5.12 5.79 19.89
N ARG B 122 -4.06 5.10 20.31
CA ARG B 122 -4.25 3.93 21.13
C ARG B 122 -4.87 4.34 22.49
N ARG B 123 -4.52 5.52 22.98
CA ARG B 123 -5.11 5.98 24.24
C ARG B 123 -6.61 6.30 24.16
N VAL B 124 -7.02 6.99 23.09
CA VAL B 124 -8.37 7.47 22.98
C VAL B 124 -9.29 6.38 22.42
N ALA B 125 -8.71 5.38 21.73
CA ALA B 125 -9.56 4.38 21.10
C ALA B 125 -10.36 3.48 22.08
N ARG B 126 -11.61 3.24 21.74
CA ARG B 126 -12.35 2.09 22.27
C ARG B 126 -11.89 0.83 21.57
N PRO B 127 -12.10 -0.34 22.20
CA PRO B 127 -11.78 -1.58 21.53
C PRO B 127 -12.42 -1.69 20.17
N GLY B 128 -11.65 -2.07 19.21
CA GLY B 128 -12.13 -2.13 17.88
C GLY B 128 -12.16 -0.87 17.03
N ALA B 129 -11.78 0.25 17.64
CA ALA B 129 -11.83 1.51 16.93
C ALA B 129 -10.96 1.48 15.66
N VAL B 130 -11.37 2.27 14.70
CA VAL B 130 -10.75 2.30 13.39
C VAL B 130 -10.11 3.65 13.15
N PHE B 131 -8.88 3.63 12.59
CA PHE B 131 -8.22 4.82 12.11
C PHE B 131 -8.18 4.78 10.59
N ALA B 132 -8.52 5.89 9.93
CA ALA B 132 -8.39 5.94 8.47
C ALA B 132 -7.63 7.20 8.03
N ALA B 133 -6.55 7.02 7.32
CA ALA B 133 -5.86 8.08 6.67
C ALA B 133 -6.51 8.17 5.30
N VAL B 134 -7.00 9.33 4.95
CA VAL B 134 -7.86 9.52 3.76
C VAL B 134 -7.26 10.63 2.89
N THR B 135 -7.09 10.31 1.61
CA THR B 135 -6.76 11.29 0.62
C THR B 135 -7.45 10.93 -0.68
N TYR B 136 -7.02 11.59 -1.75
CA TYR B 136 -7.60 11.32 -3.07
C TYR B 136 -6.51 11.52 -4.12
N GLY B 137 -6.75 10.86 -5.23
CA GLY B 137 -5.82 10.84 -6.35
C GLY B 137 -6.16 11.83 -7.45
N LEU B 138 -5.45 11.67 -8.55
CA LEU B 138 -5.47 12.58 -9.67
C LEU B 138 -6.87 12.70 -10.25
N THR B 139 -7.33 13.93 -10.42
CA THR B 139 -8.64 14.22 -10.99
C THR B 139 -8.81 13.61 -12.38
N ARG B 140 -10.02 13.10 -12.68
CA ARG B 140 -10.34 12.52 -14.01
C ARG B 140 -11.65 13.14 -14.52
N VAL B 141 -11.73 13.35 -15.84
CA VAL B 141 -12.87 14.00 -16.46
C VAL B 141 -13.30 13.17 -17.66
N ASP B 142 -12.39 13.09 -18.62
CA ASP B 142 -12.59 12.33 -19.86
C ASP B 142 -11.26 12.17 -20.57
N PRO B 143 -11.18 11.29 -21.57
CA PRO B 143 -9.84 11.04 -22.08
C PRO B 143 -9.12 12.25 -22.61
N GLU B 144 -9.86 13.14 -23.26
N GLU B 144 -9.81 13.16 -23.27
CA GLU B 144 -9.30 14.32 -23.91
CA GLU B 144 -9.11 14.30 -23.89
C GLU B 144 -8.73 15.28 -22.85
C GLU B 144 -8.67 15.31 -22.83
N VAL B 145 -9.56 15.60 -21.87
CA VAL B 145 -9.14 16.47 -20.73
C VAL B 145 -8.05 15.79 -19.94
N ASP B 146 -8.18 14.50 -19.70
CA ASP B 146 -7.22 13.77 -18.91
C ASP B 146 -5.84 13.80 -19.53
N ALA B 147 -5.78 13.71 -20.83
CA ALA B 147 -4.44 13.87 -21.49
C ALA B 147 -3.72 15.17 -21.17
N VAL B 148 -4.45 16.27 -21.10
CA VAL B 148 -3.88 17.55 -20.82
C VAL B 148 -3.47 17.55 -19.34
N VAL B 149 -4.33 17.08 -18.47
CA VAL B 149 -4.03 17.05 -17.04
C VAL B 149 -2.79 16.21 -16.75
N ASP B 150 -2.67 15.10 -17.47
CA ASP B 150 -1.52 14.22 -17.28
C ASP B 150 -0.24 14.92 -17.70
N ARG B 151 -0.28 15.69 -18.78
CA ARG B 151 0.94 16.44 -19.23
C ARG B 151 1.28 17.50 -18.19
N LEU B 152 0.25 18.10 -17.57
CA LEU B 152 0.52 19.06 -16.51
C LEU B 152 1.18 18.38 -15.31
N TYR B 153 0.56 17.31 -14.80
CA TYR B 153 0.94 16.70 -13.51
C TYR B 153 2.34 16.02 -13.64
N HIS B 154 2.46 15.21 -14.67
CA HIS B 154 3.65 14.42 -14.92
C HIS B 154 4.73 15.14 -15.73
N GLY B 155 4.33 16.11 -16.54
CA GLY B 155 5.27 16.74 -17.48
C GLY B 155 5.73 18.08 -16.95
N LEU B 156 4.87 19.08 -17.01
CA LEU B 156 5.28 20.42 -16.67
C LEU B 156 5.68 20.56 -15.19
N LEU B 157 5.04 19.79 -14.30
CA LEU B 157 5.28 19.84 -12.84
C LEU B 157 6.21 18.75 -12.30
N ALA B 158 6.94 18.08 -13.21
CA ALA B 158 7.82 17.01 -12.83
C ALA B 158 8.80 17.33 -11.72
N ARG B 159 9.35 18.55 -11.67
CA ARG B 159 10.32 18.95 -10.66
C ARG B 159 9.70 19.61 -9.44
N ASP B 160 8.38 19.76 -9.42
CA ASP B 160 7.74 20.66 -8.48
C ASP B 160 6.85 20.03 -7.42
N TRP B 161 6.71 18.71 -7.40
CA TRP B 161 5.95 18.07 -6.31
C TRP B 161 6.73 18.13 -5.00
N PRO B 162 6.15 18.81 -3.96
CA PRO B 162 6.97 19.02 -2.73
C PRO B 162 7.27 17.74 -1.98
N PRO B 163 8.54 17.57 -1.59
CA PRO B 163 9.03 16.34 -0.95
C PRO B 163 8.22 15.95 0.28
N GLU B 164 7.74 16.95 1.02
CA GLU B 164 7.07 16.71 2.29
C GLU B 164 5.77 15.98 2.10
N ARG B 165 5.14 16.14 0.94
N ARG B 165 5.13 16.15 0.94
CA ARG B 165 3.83 15.56 0.68
CA ARG B 165 3.83 15.55 0.70
C ARG B 165 3.89 14.21 -0.02
C ARG B 165 3.89 14.23 -0.06
N VAL B 166 5.07 13.59 -0.06
CA VAL B 166 5.19 12.32 -0.79
C VAL B 166 4.17 11.24 -0.35
N HIS B 167 3.92 11.15 0.96
CA HIS B 167 3.03 10.07 1.45
C HIS B 167 1.62 10.32 0.99
N VAL B 168 1.18 11.56 1.14
CA VAL B 168 -0.20 11.88 0.72
C VAL B 168 -0.33 11.67 -0.80
N GLU B 169 0.69 12.02 -1.60
CA GLU B 169 0.63 11.82 -3.04
C GLU B 169 0.69 10.37 -3.52
N SER B 170 1.23 9.45 -2.71
CA SER B 170 1.16 8.01 -3.02
C SER B 170 -0.11 7.37 -2.50
N GLY B 171 -1.12 8.16 -2.16
CA GLY B 171 -2.33 7.62 -1.54
C GLY B 171 -2.06 6.93 -0.21
N TYR B 172 -1.05 7.40 0.52
CA TYR B 172 -0.56 6.80 1.77
C TYR B 172 0.00 5.39 1.69
N ARG B 173 0.26 4.93 0.49
CA ARG B 173 0.97 3.70 0.30
C ARG B 173 2.30 3.65 1.05
N THR B 174 3.03 4.74 1.00
CA THR B 174 4.38 4.80 1.56
C THR B 174 4.40 5.19 3.05
N LEU B 175 3.23 5.47 3.60
CA LEU B 175 3.12 5.85 5.03
C LEU B 175 3.43 4.66 5.90
N PRO B 176 4.27 4.82 6.95
CA PRO B 176 4.44 3.74 7.88
C PRO B 176 3.12 3.64 8.63
N PHE B 177 2.61 2.46 8.79
CA PHE B 177 1.20 2.29 9.28
C PHE B 177 1.16 1.06 10.13
N PRO B 178 0.98 1.19 11.46
CA PRO B 178 1.21 0.19 12.44
C PRO B 178 0.04 -0.75 12.73
N PHE B 179 -1.12 -0.47 12.18
CA PHE B 179 -2.34 -1.18 12.59
C PHE B 179 -2.72 -2.28 11.61
N PRO B 180 -3.42 -3.34 12.07
CA PRO B 180 -3.89 -4.36 11.12
C PRO B 180 -4.90 -3.74 10.18
N GLU B 181 -4.69 -3.92 8.90
CA GLU B 181 -5.42 -3.15 7.90
C GLU B 181 -6.75 -3.73 7.47
N LEU B 182 -7.68 -2.85 7.13
CA LEU B 182 -9.05 -3.19 6.71
C LEU B 182 -9.18 -2.60 5.30
N GLU B 183 -9.73 -3.32 4.36
CA GLU B 183 -9.83 -2.77 3.00
C GLU B 183 -11.15 -1.96 2.92
N ALA B 184 -11.07 -0.80 2.36
CA ALA B 184 -12.22 0.02 2.11
C ALA B 184 -12.76 -0.27 0.74
N PRO B 185 -14.05 -0.08 0.55
CA PRO B 185 -14.61 -0.21 -0.79
C PRO B 185 -14.15 0.96 -1.69
N PRO B 186 -14.26 0.81 -3.00
CA PRO B 186 -13.92 1.92 -3.90
C PRO B 186 -14.87 3.10 -3.72
N LEU B 187 -14.30 4.29 -3.54
CA LEU B 187 -15.06 5.47 -3.32
C LEU B 187 -14.45 6.54 -4.20
N GLU B 188 -15.27 7.55 -4.50
CA GLU B 188 -14.83 8.65 -5.30
C GLU B 188 -15.48 9.94 -4.89
N ILE B 189 -14.73 11.02 -5.07
CA ILE B 189 -15.25 12.35 -5.07
C ILE B 189 -15.83 12.66 -6.44
N GLU B 190 -16.95 13.34 -6.44
CA GLU B 190 -17.59 13.75 -7.66
C GLU B 190 -18.04 15.20 -7.51
N GLU B 191 -17.72 16.00 -8.54
CA GLU B 191 -18.21 17.36 -8.64
C GLU B 191 -18.68 17.62 -10.05
N ARG B 192 -19.43 18.70 -10.26
N ARG B 192 -19.52 18.64 -10.26
CA ARG B 192 -19.97 19.06 -11.55
CA ARG B 192 -19.93 19.05 -11.62
C ARG B 192 -19.52 20.49 -11.80
C ARG B 192 -19.51 20.48 -11.81
N TRP B 193 -18.46 20.64 -12.59
CA TRP B 193 -17.73 21.88 -12.66
C TRP B 193 -17.53 22.32 -14.11
N PRO B 194 -17.78 23.61 -14.40
CA PRO B 194 -17.27 24.11 -15.67
C PRO B 194 -15.78 24.33 -15.69
N MSE B 195 -15.27 24.69 -16.87
CA MSE B 195 -13.83 24.78 -17.05
C MSE B 195 -13.18 25.77 -16.09
O MSE B 195 -12.12 25.49 -15.54
CB MSE B 195 -13.45 25.09 -18.49
CG MSE B 195 -11.98 24.80 -18.74
SE MSE B 195 -11.54 25.54 -20.53
CE MSE B 195 -11.37 27.44 -20.15
N ASP B 196 -13.86 26.90 -15.87
N ASP B 196 -13.71 26.96 -15.90
CA ASP B 196 -13.42 27.98 -14.98
CA ASP B 196 -13.00 27.89 -15.04
C ASP B 196 -13.04 27.42 -13.62
C ASP B 196 -12.97 27.43 -13.56
N ALA B 197 -13.98 26.69 -13.07
CA ALA B 197 -13.89 26.10 -11.73
C ALA B 197 -12.78 25.05 -11.70
N PHE B 198 -12.67 24.28 -12.77
CA PHE B 198 -11.62 23.25 -12.82
C PHE B 198 -10.22 23.86 -12.84
N LEU B 199 -10.05 24.90 -13.66
CA LEU B 199 -8.84 25.70 -13.62
C LEU B 199 -8.49 26.33 -12.29
N GLY B 200 -9.49 26.87 -11.60
CA GLY B 200 -9.29 27.40 -10.28
C GLY B 200 -8.78 26.32 -9.35
N TYR B 201 -9.38 25.14 -9.44
CA TYR B 201 -8.97 23.97 -8.69
C TYR B 201 -7.51 23.60 -8.99
N LEU B 202 -7.14 23.46 -10.26
CA LEU B 202 -5.73 23.17 -10.59
C LEU B 202 -4.77 24.16 -9.99
N GLY B 203 -5.21 25.41 -9.88
CA GLY B 203 -4.41 26.47 -9.30
C GLY B 203 -4.16 26.33 -7.80
N THR B 204 -4.88 25.40 -7.15
CA THR B 204 -4.61 25.06 -5.77
C THR B 204 -3.56 24.01 -5.57
N TRP B 205 -3.10 23.33 -6.63
CA TRP B 205 -2.14 22.29 -6.45
C TRP B 205 -0.85 22.86 -5.89
N SER B 206 -0.28 22.21 -4.86
CA SER B 206 0.97 22.67 -4.24
C SER B 206 2.07 22.78 -5.30
N ALA B 207 2.08 21.86 -6.26
CA ALA B 207 3.11 21.88 -7.32
C ALA B 207 2.97 23.05 -8.31
N VAL B 208 1.74 23.51 -8.54
CA VAL B 208 1.54 24.72 -9.32
C VAL B 208 2.15 25.92 -8.61
N THR B 209 1.85 26.10 -7.34
CA THR B 209 2.48 27.18 -6.58
C THR B 209 3.99 27.05 -6.58
N ALA B 210 4.49 25.84 -6.34
CA ALA B 210 5.93 25.64 -6.34
C ALA B 210 6.56 26.03 -7.69
N HIS B 211 5.93 25.61 -8.81
CA HIS B 211 6.44 25.91 -10.13
C HIS B 211 6.54 27.42 -10.34
N ARG B 212 5.47 28.13 -9.96
CA ARG B 212 5.43 29.59 -10.11
C ARG B 212 6.52 30.26 -9.25
N ARG B 213 6.72 29.76 -8.06
CA ARG B 213 7.77 30.31 -7.20
C ARG B 213 9.15 30.04 -7.78
N ARG B 214 9.33 28.86 -8.37
CA ARG B 214 10.63 28.48 -8.90
C ARG B 214 10.98 29.23 -10.17
N THR B 215 10.01 29.36 -11.05
CA THR B 215 10.29 29.77 -12.42
C THR B 215 9.79 31.15 -12.76
N GLY B 216 8.77 31.59 -12.03
CA GLY B 216 8.08 32.83 -12.30
C GLY B 216 7.05 32.71 -13.40
N ALA B 217 6.83 31.50 -13.91
CA ALA B 217 5.82 31.29 -14.93
C ALA B 217 4.65 30.49 -14.38
N ASP B 218 3.49 30.75 -14.95
CA ASP B 218 2.26 30.11 -14.56
C ASP B 218 2.02 28.92 -15.48
N PRO B 219 2.16 27.70 -14.94
CA PRO B 219 1.95 26.53 -15.76
C PRO B 219 0.49 26.40 -16.26
N LEU B 220 -0.47 27.05 -15.62
CA LEU B 220 -1.88 26.99 -16.05
C LEU B 220 -2.11 27.83 -17.31
N ALA B 221 -1.44 28.98 -17.39
CA ALA B 221 -1.43 29.73 -18.65
C ALA B 221 -0.89 28.89 -19.84
N GLU B 222 0.09 28.04 -19.59
CA GLU B 222 0.65 27.20 -20.62
C GLU B 222 -0.30 26.14 -21.11
N ILE B 223 -1.02 25.48 -20.21
CA ILE B 223 -1.92 24.42 -20.66
C ILE B 223 -3.34 24.90 -21.02
N ALA B 224 -3.65 26.16 -20.78
CA ALA B 224 -5.04 26.63 -20.95
C ALA B 224 -5.59 26.44 -22.38
N PRO B 225 -4.81 26.78 -23.42
CA PRO B 225 -5.35 26.53 -24.77
C PRO B 225 -5.66 25.08 -25.03
N ALA B 226 -4.80 24.17 -24.59
CA ALA B 226 -5.06 22.76 -24.84
C ALA B 226 -6.25 22.27 -24.02
N LEU B 227 -6.36 22.76 -22.80
CA LEU B 227 -7.50 22.42 -21.95
C LEU B 227 -8.80 22.89 -22.59
N ARG B 228 -8.81 24.12 -23.09
CA ARG B 228 -10.01 24.63 -23.74
C ARG B 228 -10.39 23.75 -24.96
N ALA B 229 -9.40 23.36 -25.74
CA ALA B 229 -9.71 22.51 -26.90
C ALA B 229 -10.32 21.19 -26.47
N ALA B 230 -9.84 20.62 -25.36
CA ALA B 230 -10.28 19.33 -24.88
C ALA B 230 -11.65 19.44 -24.21
N TRP B 231 -11.89 20.57 -23.56
CA TRP B 231 -13.10 20.73 -22.75
C TRP B 231 -14.33 20.88 -23.61
N GLY B 232 -14.14 21.55 -24.76
CA GLY B 232 -15.25 22.14 -25.57
C GLY B 232 -15.78 23.40 -24.86
N THR B 233 -17.06 23.66 -25.02
CA THR B 233 -17.59 24.95 -24.60
C THR B 233 -17.36 25.06 -23.08
N PRO B 234 -16.66 26.11 -22.67
CA PRO B 234 -16.09 26.11 -21.32
C PRO B 234 -17.11 26.28 -20.27
N GLU B 235 -18.26 26.84 -20.63
CA GLU B 235 -19.28 27.01 -19.62
C GLU B 235 -19.98 25.72 -19.22
N ARG B 236 -19.88 24.66 -20.02
CA ARG B 236 -20.61 23.43 -19.74
C ARG B 236 -19.96 22.71 -18.56
N PRO B 237 -20.75 22.41 -17.51
CA PRO B 237 -20.18 21.65 -16.41
C PRO B 237 -20.00 20.20 -16.80
N LEU B 238 -18.82 19.64 -16.48
CA LEU B 238 -18.52 18.26 -16.69
C LEU B 238 -18.42 17.53 -15.36
N ARG B 239 -18.68 16.23 -15.38
CA ARG B 239 -18.50 15.41 -14.20
C ARG B 239 -17.02 15.23 -13.99
N VAL B 240 -16.54 15.73 -12.87
CA VAL B 240 -15.15 15.57 -12.48
C VAL B 240 -15.12 14.60 -11.32
N THR B 241 -14.19 13.67 -11.36
CA THR B 241 -14.05 12.69 -10.27
C THR B 241 -12.62 12.58 -9.77
N TRP B 242 -12.47 12.14 -8.53
CA TRP B 242 -11.15 11.85 -7.97
C TRP B 242 -11.33 10.55 -7.22
N PRO B 243 -10.42 9.60 -7.41
CA PRO B 243 -10.50 8.34 -6.64
C PRO B 243 -10.00 8.53 -5.24
N ILE B 244 -10.74 8.02 -4.28
CA ILE B 244 -10.33 8.14 -2.89
C ILE B 244 -9.36 7.04 -2.54
N ALA B 245 -8.33 7.39 -1.77
CA ALA B 245 -7.34 6.47 -1.31
C ALA B 245 -7.40 6.48 0.21
N ILE B 246 -7.54 5.31 0.78
CA ILE B 246 -7.72 5.17 2.25
C ILE B 246 -6.74 4.08 2.75
N ARG B 247 -6.06 4.38 3.83
CA ARG B 247 -5.37 3.36 4.59
C ARG B 247 -6.10 3.33 5.91
N ALA B 248 -6.81 2.23 6.17
CA ALA B 248 -7.57 2.09 7.42
C ALA B 248 -7.11 0.87 8.18
N GLY B 249 -7.21 0.95 9.50
CA GLY B 249 -6.83 -0.15 10.33
C GLY B 249 -7.47 -0.13 11.68
N ARG B 250 -7.33 -1.25 12.38
CA ARG B 250 -7.94 -1.40 13.69
C ARG B 250 -6.91 -0.89 14.72
N ILE B 251 -7.26 0.14 15.45
CA ILE B 251 -6.32 0.75 16.37
C ILE B 251 -6.06 -0.18 17.54
N LEU B 252 -7.12 -0.79 18.05
CA LEU B 252 -7.03 -1.79 19.14
C LEU B 252 -7.95 -2.94 18.76
N PRO B 253 -7.61 -4.14 19.19
CA PRO B 253 -8.55 -5.25 18.97
C PRO B 253 -9.85 -5.09 19.74
N HIS B 254 -10.92 -5.71 19.25
CA HIS B 254 -12.18 -5.75 20.00
C HIS B 254 -11.93 -6.56 21.28
N ALA B 255 -12.75 -6.36 22.32
CA ALA B 255 -12.58 -7.06 23.64
C ALA B 255 -12.66 -8.58 23.54
C1 EDO C . -0.89 -7.47 -7.87
O1 EDO C . -2.05 -6.76 -7.40
C2 EDO C . -0.27 -8.17 -6.70
O2 EDO C . 0.04 -9.56 -6.89
C1 EDO D . 7.86 -16.10 12.81
O1 EDO D . 6.76 -15.62 13.59
C2 EDO D . 8.32 -17.45 13.31
O2 EDO D . 7.22 -18.35 13.29
O1 MES E . 10.25 -5.42 1.79
C2 MES E . 10.12 -4.10 1.31
C3 MES E . 10.37 -3.98 -0.11
N4 MES E . 9.95 -5.13 -0.89
C5 MES E . 9.78 -6.46 -0.25
C6 MES E . 9.49 -6.37 1.25
C7 MES E . 9.74 -4.91 -2.34
C8 MES E . 10.94 -5.49 -2.97
S MES E . 10.84 -5.21 -4.77
O1S MES E . 12.26 -5.33 -5.13
O2S MES E . 10.09 -3.92 -5.05
O3S MES E . 10.03 -6.34 -5.41
C1 EDO F . 25.46 -0.13 17.62
O1 EDO F . 24.12 -0.59 17.87
C2 EDO F . 25.68 1.04 18.56
O2 EDO F . 25.31 0.49 19.84
C1 EDO G . -21.10 15.25 0.54
O1 EDO G . -20.23 15.04 1.65
C2 EDO G . -20.65 16.44 -0.30
O2 EDO G . -20.79 17.70 0.42
O1 MES H . -4.12 14.84 -7.39
C2 MES H . -2.81 15.07 -7.85
C3 MES H . -2.41 16.30 -7.17
N4 MES H . -3.14 16.64 -5.93
C5 MES H . -3.80 15.56 -5.14
C6 MES H . -4.24 14.43 -6.02
C7 MES H . -2.27 17.55 -5.12
C8 MES H . -3.00 17.95 -3.85
S MES H . -2.05 19.34 -3.11
O1S MES H . -2.69 20.69 -3.43
O2S MES H . -0.60 19.28 -3.57
O3S MES H . -2.25 19.10 -1.59
C1 EDO I . -17.26 -3.85 11.91
O1 EDO I . -15.91 -3.74 11.38
C2 EDO I . -17.35 -4.50 13.27
O2 EDO I . -16.84 -3.60 14.31
#